data_2NPA
#
_entry.id   2NPA
#
_cell.length_a   59.909
_cell.length_b   100.074
_cell.length_c   61.311
_cell.angle_alpha   90.000
_cell.angle_beta   100.140
_cell.angle_gamma   90.000
#
_symmetry.space_group_name_H-M   'P 1 21 1'
#
loop_
_entity.id
_entity.type
_entity.pdbx_description
1 polymer 'Peroxisome proliferator-activated receptor alpha'
2 polymer 'SRC- peptide from Nuclear receptor coactivator 1'
3 non-polymer '(2R,3E)-2-{4-[(5-METHYL-2-PHENYL-1,3-OXAZOL-4-YL)METHOXY]BENZYL}-3-(PROPOXYIMINO)BUTANOIC ACID'
4 water water
#
loop_
_entity_poly.entity_id
_entity_poly.type
_entity_poly.pdbx_seq_one_letter_code
_entity_poly.pdbx_strand_id
1 'polypeptide(L)'
;ETADLKSLAKRIYEAYLKNFNMNKVKARVILSGAASNNPPFVIHDMETLCMAEKTLVAKLVANGIQNKEAEVRIFHCCQC
TSVETVTELTEFAKAIPGFANLDLNDQVTLLKYGVYEAIFAMLSSVMNKDGMLVAYGNGFITREFLKSLRKPFCDIMEPK
FDFAMKFNALELDDSDISLFVAAIICCGDRPGLLNVGHIEKMQEGIVHVLRLHLQSNHPDDIFLFPKLLQKMADLRQLVT
EHAQLVQIIKKTESDAALHPLLQEIYRDMY
;
A,C
2 'polypeptide(L)' LTERHKILHRLLQEG B,D
#
loop_
_chem_comp.id
_chem_comp.type
_chem_comp.name
_chem_comp.formula
MMB non-polymer '(2R,3E)-2-{4-[(5-METHYL-2-PHENYL-1,3-OXAZOL-4-YL)METHOXY]BENZYL}-3-(PROPOXYIMINO)BUTANOIC ACID' 'C25 H28 N2 O5'
#
# COMPACT_ATOMS: atom_id res chain seq x y z
N GLU A 1 13.06 14.13 10.47
CA GLU A 1 13.64 13.37 11.61
C GLU A 1 14.56 14.23 12.46
N THR A 2 14.61 13.88 13.75
CA THR A 2 15.42 14.60 14.71
C THR A 2 16.75 13.86 14.95
N ALA A 3 17.74 14.58 15.50
CA ALA A 3 19.05 14.00 15.77
C ALA A 3 18.93 12.63 16.42
N ASP A 4 18.40 12.63 17.62
CA ASP A 4 18.21 11.42 18.38
C ASP A 4 17.57 10.29 17.55
N LEU A 5 16.61 10.66 16.71
CA LEU A 5 15.92 9.69 15.88
C LEU A 5 16.82 9.28 14.71
N LYS A 6 17.71 10.16 14.29
CA LYS A 6 18.62 9.87 13.18
C LYS A 6 19.67 8.85 13.61
N SER A 7 20.44 9.19 14.64
CA SER A 7 21.46 8.28 15.15
C SER A 7 20.94 6.86 15.29
N LEU A 8 19.65 6.71 15.59
CA LEU A 8 19.06 5.39 15.72
C LEU A 8 19.03 4.72 14.33
N ALA A 9 18.56 5.44 13.32
CA ALA A 9 18.51 4.89 11.96
C ALA A 9 19.92 4.47 11.53
N LYS A 10 20.86 5.40 11.62
CA LYS A 10 22.23 5.13 11.25
C LYS A 10 22.85 3.94 12.05
N ARG A 11 22.65 3.93 13.36
CA ARG A 11 23.19 2.86 14.19
C ARG A 11 22.62 1.49 13.82
N ILE A 12 21.32 1.42 13.50
CA ILE A 12 20.71 0.15 13.13
C ILE A 12 21.19 -0.28 11.73
N TYR A 13 21.22 0.65 10.78
CA TYR A 13 21.67 0.31 9.44
C TYR A 13 23.12 -0.19 9.42
N GLU A 14 24.01 0.42 10.20
CA GLU A 14 25.40 -0.01 10.24
C GLU A 14 25.51 -1.40 10.86
N ALA A 15 24.69 -1.66 11.87
CA ALA A 15 24.72 -2.96 12.51
C ALA A 15 24.32 -4.03 11.50
N TYR A 16 23.35 -3.68 10.65
CA TYR A 16 22.84 -4.57 9.62
C TYR A 16 23.92 -4.92 8.60
N LEU A 17 24.53 -3.88 8.03
CA LEU A 17 25.58 -4.07 7.04
C LEU A 17 26.78 -4.80 7.65
N LYS A 18 27.03 -4.56 8.93
CA LYS A 18 28.16 -5.20 9.59
C LYS A 18 27.95 -6.67 9.96
N ASN A 19 26.77 -7.01 10.46
CA ASN A 19 26.46 -8.36 10.88
C ASN A 19 25.93 -9.37 9.87
N PHE A 20 25.40 -8.93 8.74
CA PHE A 20 24.88 -9.87 7.76
C PHE A 20 25.76 -9.95 6.53
N ASN A 21 26.28 -11.14 6.27
CA ASN A 21 27.16 -11.35 5.12
C ASN A 21 26.46 -11.02 3.79
N MET A 22 25.23 -11.48 3.61
CA MET A 22 24.50 -11.18 2.39
C MET A 22 23.45 -10.09 2.63
N ASN A 23 23.28 -9.21 1.65
CA ASN A 23 22.31 -8.14 1.74
C ASN A 23 21.77 -7.84 0.32
N LYS A 24 20.58 -7.27 0.27
CA LYS A 24 19.91 -7.00 -0.99
C LYS A 24 20.70 -6.33 -2.09
N VAL A 25 21.65 -5.49 -1.75
CA VAL A 25 22.41 -4.82 -2.81
C VAL A 25 23.35 -5.83 -3.49
N LYS A 26 24.00 -6.69 -2.71
CA LYS A 26 24.88 -7.70 -3.28
C LYS A 26 24.03 -8.74 -4.00
N ALA A 27 22.89 -9.07 -3.41
CA ALA A 27 22.04 -10.08 -4.00
C ALA A 27 21.49 -9.67 -5.36
N ARG A 28 21.02 -8.43 -5.47
CA ARG A 28 20.48 -7.93 -6.73
C ARG A 28 21.52 -7.82 -7.84
N VAL A 29 22.77 -7.56 -7.44
CA VAL A 29 23.87 -7.48 -8.38
C VAL A 29 24.16 -8.88 -8.96
N ILE A 30 24.04 -9.91 -8.12
CA ILE A 30 24.28 -11.29 -8.54
C ILE A 30 23.12 -11.83 -9.40
N LEU A 31 21.89 -11.55 -8.98
CA LEU A 31 20.69 -12.01 -9.69
C LEU A 31 20.43 -11.22 -10.98
N SER A 32 21.04 -10.04 -11.09
CA SER A 32 20.86 -9.21 -12.28
C SER A 32 21.86 -9.66 -13.33
N GLY A 33 23.12 -9.79 -12.90
CA GLY A 33 24.17 -10.21 -13.80
C GLY A 33 24.69 -9.02 -14.60
N ALA A 34 24.64 -7.82 -14.02
CA ALA A 34 25.14 -6.66 -14.73
C ALA A 34 26.58 -6.33 -14.37
N ALA A 35 27.10 -6.89 -13.27
CA ALA A 35 28.49 -6.59 -12.89
C ALA A 35 29.47 -7.75 -13.15
N SER A 36 28.96 -8.87 -13.63
CA SER A 36 29.79 -10.02 -13.94
C SER A 36 29.04 -11.04 -14.79
N ASN A 37 29.79 -11.85 -15.54
CA ASN A 37 29.19 -12.88 -16.39
C ASN A 37 29.49 -14.29 -15.87
N ASN A 38 29.89 -14.38 -14.61
CA ASN A 38 30.16 -15.65 -13.95
C ASN A 38 28.99 -15.83 -12.98
N PRO A 39 27.87 -16.35 -13.46
CA PRO A 39 26.72 -16.53 -12.58
C PRO A 39 26.90 -17.68 -11.61
N PRO A 40 26.04 -17.76 -10.58
CA PRO A 40 26.09 -18.82 -9.56
C PRO A 40 25.88 -20.18 -10.20
N PHE A 41 26.43 -21.23 -9.61
CA PHE A 41 26.23 -22.56 -10.11
C PHE A 41 24.76 -22.85 -9.86
N VAL A 42 24.04 -23.25 -10.91
CA VAL A 42 22.62 -23.53 -10.77
C VAL A 42 22.29 -24.94 -10.30
N ILE A 43 21.49 -25.02 -9.24
CA ILE A 43 21.09 -26.31 -8.75
C ILE A 43 19.63 -26.43 -9.15
N HIS A 44 19.33 -27.35 -10.07
CA HIS A 44 17.97 -27.53 -10.55
C HIS A 44 17.50 -28.98 -10.56
N ASP A 45 18.41 -29.89 -10.27
CA ASP A 45 18.07 -31.31 -10.21
C ASP A 45 18.98 -32.04 -9.24
N MET A 46 18.78 -33.34 -9.12
CA MET A 46 19.59 -34.14 -8.21
C MET A 46 21.02 -34.18 -8.75
N GLU A 47 21.13 -34.26 -10.06
CA GLU A 47 22.43 -34.32 -10.70
C GLU A 47 23.25 -33.10 -10.28
N THR A 48 22.67 -31.91 -10.45
CA THR A 48 23.33 -30.67 -10.09
C THR A 48 23.45 -30.48 -8.57
N LEU A 49 22.67 -31.24 -7.80
CA LEU A 49 22.78 -31.11 -6.35
C LEU A 49 24.05 -31.84 -5.96
N CYS A 50 24.15 -33.09 -6.42
CA CYS A 50 25.31 -33.93 -6.16
C CYS A 50 26.60 -33.22 -6.57
N MET A 51 26.57 -32.51 -7.70
CA MET A 51 27.78 -31.80 -8.13
C MET A 51 28.12 -30.69 -7.15
N ALA A 52 27.14 -29.86 -6.81
CA ALA A 52 27.38 -28.78 -5.84
C ALA A 52 27.90 -29.36 -4.51
N GLU A 53 27.41 -30.52 -4.13
CA GLU A 53 27.85 -31.12 -2.88
C GLU A 53 29.33 -31.54 -2.88
N LYS A 54 29.90 -31.82 -4.06
CA LYS A 54 31.29 -32.21 -4.12
C LYS A 54 32.14 -31.13 -3.46
N THR A 55 31.71 -29.88 -3.61
CA THR A 55 32.39 -28.74 -3.01
C THR A 55 32.09 -28.62 -1.51
N LEU A 56 30.94 -29.12 -1.09
CA LEU A 56 30.56 -29.03 0.32
C LEU A 56 30.92 -30.32 1.05
N VAL A 57 31.62 -31.23 0.36
CA VAL A 57 31.97 -32.51 0.93
C VAL A 57 32.52 -32.44 2.36
N ALA A 58 33.56 -31.64 2.56
CA ALA A 58 34.19 -31.47 3.88
C ALA A 58 33.16 -31.19 4.98
N LYS A 59 32.25 -30.26 4.72
CA LYS A 59 31.20 -29.94 5.68
C LYS A 59 30.26 -31.11 5.91
N LEU A 60 29.60 -31.58 4.86
CA LEU A 60 28.68 -32.69 4.95
C LEU A 60 29.23 -33.92 5.71
N VAL A 61 30.49 -34.26 5.47
CA VAL A 61 31.07 -35.41 6.17
C VAL A 61 31.27 -35.04 7.63
N ALA A 62 31.73 -33.81 7.88
CA ALA A 62 31.97 -33.32 9.23
C ALA A 62 30.73 -33.48 10.10
N ASN A 63 29.55 -33.32 9.50
CA ASN A 63 28.30 -33.47 10.24
C ASN A 63 27.66 -34.84 9.96
N GLY A 64 28.37 -35.68 9.23
CA GLY A 64 27.89 -37.02 8.90
C GLY A 64 26.55 -37.11 8.22
N ILE A 65 26.35 -36.30 7.17
CA ILE A 65 25.09 -36.30 6.42
C ILE A 65 25.38 -36.68 4.98
N GLN A 66 26.63 -37.04 4.74
CA GLN A 66 27.13 -37.43 3.43
C GLN A 66 26.25 -38.45 2.73
N ASN A 67 25.80 -39.44 3.50
CA ASN A 67 25.00 -40.51 2.95
C ASN A 67 23.51 -40.45 3.27
N LYS A 68 23.06 -39.32 3.81
CA LYS A 68 21.64 -39.17 4.11
C LYS A 68 20.90 -38.85 2.83
N GLU A 69 19.59 -39.00 2.84
CA GLU A 69 18.76 -38.72 1.67
C GLU A 69 19.03 -37.31 1.14
N ALA A 70 18.78 -37.09 -0.14
CA ALA A 70 19.01 -35.76 -0.72
C ALA A 70 18.19 -34.68 -0.02
N GLU A 71 16.93 -35.01 0.32
CA GLU A 71 16.06 -34.05 1.02
C GLU A 71 16.62 -33.70 2.39
N VAL A 72 17.07 -34.72 3.12
CA VAL A 72 17.61 -34.51 4.44
C VAL A 72 18.93 -33.75 4.36
N ARG A 73 19.72 -34.04 3.33
CA ARG A 73 20.98 -33.32 3.18
C ARG A 73 20.70 -31.83 2.95
N ILE A 74 19.65 -31.54 2.19
CA ILE A 74 19.24 -30.19 1.89
C ILE A 74 18.62 -29.56 3.13
N PHE A 75 17.80 -30.33 3.83
CA PHE A 75 17.14 -29.87 5.03
C PHE A 75 18.18 -29.41 6.04
N HIS A 76 19.27 -30.17 6.10
CA HIS A 76 20.32 -29.86 7.03
C HIS A 76 21.15 -28.65 6.60
N CYS A 77 21.50 -28.56 5.32
CA CYS A 77 22.26 -27.42 4.85
C CYS A 77 21.45 -26.15 5.12
N CYS A 78 20.14 -26.24 5.04
CA CYS A 78 19.31 -25.07 5.30
C CYS A 78 19.37 -24.68 6.78
N GLN A 79 19.46 -25.69 7.64
CA GLN A 79 19.56 -25.44 9.08
C GLN A 79 20.83 -24.68 9.41
N CYS A 80 21.95 -25.09 8.80
CA CYS A 80 23.23 -24.44 9.05
C CYS A 80 23.17 -22.96 8.70
N THR A 81 22.48 -22.64 7.60
CA THR A 81 22.33 -21.24 7.19
C THR A 81 21.48 -20.50 8.23
N SER A 82 20.52 -21.22 8.81
CA SER A 82 19.64 -20.66 9.83
C SER A 82 20.41 -20.42 11.11
N VAL A 83 21.22 -21.40 11.51
CA VAL A 83 22.02 -21.28 12.72
C VAL A 83 23.00 -20.10 12.53
N GLU A 84 23.55 -19.97 11.33
CA GLU A 84 24.46 -18.87 11.04
C GLU A 84 23.75 -17.51 11.12
N THR A 85 22.52 -17.43 10.58
CA THR A 85 21.75 -16.17 10.58
C THR A 85 21.27 -15.80 11.98
N VAL A 86 20.94 -16.78 12.79
CA VAL A 86 20.49 -16.51 14.14
C VAL A 86 21.67 -15.87 14.90
N THR A 87 22.88 -16.36 14.62
CA THR A 87 24.08 -15.84 15.27
C THR A 87 24.31 -14.38 14.94
N GLU A 88 24.09 -14.02 13.69
CA GLU A 88 24.28 -12.65 13.23
C GLU A 88 23.15 -11.77 13.77
N LEU A 89 21.95 -12.35 13.81
CA LEU A 89 20.77 -11.65 14.31
C LEU A 89 20.96 -11.31 15.78
N THR A 90 21.57 -12.23 16.54
CA THR A 90 21.81 -11.98 17.96
C THR A 90 22.76 -10.78 18.09
N GLU A 91 23.85 -10.78 17.32
CA GLU A 91 24.76 -9.64 17.37
C GLU A 91 24.04 -8.36 16.92
N PHE A 92 23.26 -8.46 15.84
CA PHE A 92 22.50 -7.30 15.35
C PHE A 92 21.59 -6.74 16.44
N ALA A 93 20.87 -7.62 17.13
CA ALA A 93 19.97 -7.20 18.20
C ALA A 93 20.76 -6.46 19.30
N LYS A 94 21.85 -7.06 19.79
CA LYS A 94 22.66 -6.39 20.82
C LYS A 94 23.14 -5.02 20.38
N ALA A 95 23.03 -4.73 19.08
CA ALA A 95 23.45 -3.44 18.54
C ALA A 95 22.33 -2.41 18.53
N ILE A 96 21.10 -2.87 18.75
CA ILE A 96 19.95 -1.97 18.77
C ILE A 96 19.94 -1.32 20.14
N PRO A 97 20.14 -0.01 20.20
CA PRO A 97 20.14 0.69 21.49
C PRO A 97 18.94 0.36 22.36
N GLY A 98 19.22 -0.18 23.55
CA GLY A 98 18.15 -0.52 24.48
C GLY A 98 17.88 -2.01 24.58
N PHE A 99 18.45 -2.79 23.67
CA PHE A 99 18.20 -4.21 23.69
C PHE A 99 19.01 -4.94 24.78
N ALA A 100 20.32 -4.67 24.82
CA ALA A 100 21.22 -5.31 25.79
C ALA A 100 20.82 -5.04 27.24
N ASN A 101 20.14 -3.92 27.42
CA ASN A 101 19.66 -3.47 28.73
C ASN A 101 18.51 -4.30 29.28
N LEU A 102 17.77 -4.93 28.38
CA LEU A 102 16.62 -5.74 28.76
C LEU A 102 16.98 -6.92 29.62
N ASP A 103 16.02 -7.36 30.41
CA ASP A 103 16.20 -8.52 31.26
C ASP A 103 16.63 -9.62 30.29
N LEU A 104 17.61 -10.42 30.69
CA LEU A 104 18.10 -11.49 29.83
C LEU A 104 17.00 -12.43 29.35
N ASN A 105 15.96 -12.57 30.17
CA ASN A 105 14.82 -13.43 29.82
C ASN A 105 14.04 -12.86 28.65
N ASP A 106 13.84 -11.54 28.65
CA ASP A 106 13.13 -10.92 27.55
C ASP A 106 13.99 -10.92 26.28
N GLN A 107 15.32 -10.90 26.44
CA GLN A 107 16.19 -10.89 25.28
C GLN A 107 16.00 -12.18 24.53
N VAL A 108 15.98 -13.28 25.29
CA VAL A 108 15.79 -14.62 24.77
C VAL A 108 14.44 -14.73 24.05
N THR A 109 13.37 -14.28 24.72
CA THR A 109 12.04 -14.34 24.15
C THR A 109 11.96 -13.61 22.82
N LEU A 110 12.48 -12.40 22.78
CA LEU A 110 12.49 -11.59 21.56
C LEU A 110 13.19 -12.30 20.39
N LEU A 111 14.40 -12.81 20.62
CA LEU A 111 15.09 -13.53 19.57
C LEU A 111 14.34 -14.83 19.24
N LYS A 112 13.84 -15.51 20.26
CA LYS A 112 13.13 -16.77 20.07
C LYS A 112 11.99 -16.66 19.04
N TYR A 113 11.15 -15.63 19.19
CA TYR A 113 10.02 -15.45 18.26
C TYR A 113 10.30 -14.60 17.04
N GLY A 114 11.33 -13.75 17.11
CA GLY A 114 11.63 -12.88 15.99
C GLY A 114 12.61 -13.38 14.95
N VAL A 115 13.57 -14.19 15.38
CA VAL A 115 14.58 -14.73 14.49
C VAL A 115 14.03 -15.25 13.12
N TYR A 116 13.08 -16.17 13.13
CA TYR A 116 12.53 -16.66 11.88
C TYR A 116 11.74 -15.64 11.06
N GLU A 117 11.10 -14.69 11.72
CA GLU A 117 10.37 -13.69 10.99
C GLU A 117 11.37 -12.86 10.21
N ALA A 118 12.47 -12.51 10.87
CA ALA A 118 13.53 -11.73 10.24
C ALA A 118 14.22 -12.54 9.15
N ILE A 119 14.46 -13.82 9.42
CA ILE A 119 15.11 -14.73 8.46
C ILE A 119 14.36 -14.77 7.13
N PHE A 120 13.05 -14.98 7.18
CA PHE A 120 12.26 -15.04 5.95
C PHE A 120 12.09 -13.65 5.35
N ALA A 121 12.13 -12.63 6.20
CA ALA A 121 12.05 -11.26 5.68
C ALA A 121 13.34 -11.01 4.88
N MET A 122 14.50 -11.37 5.45
CA MET A 122 15.78 -11.15 4.77
C MET A 122 16.05 -12.11 3.60
N LEU A 123 15.52 -13.32 3.68
CA LEU A 123 15.71 -14.31 2.63
C LEU A 123 15.06 -13.85 1.30
N SER A 124 14.03 -12.99 1.37
CA SER A 124 13.36 -12.47 0.16
C SER A 124 14.36 -11.72 -0.73
N SER A 125 15.31 -11.02 -0.11
CA SER A 125 16.32 -10.26 -0.82
C SER A 125 17.08 -11.09 -1.85
N VAL A 126 17.26 -12.38 -1.56
CA VAL A 126 17.95 -13.26 -2.47
C VAL A 126 17.01 -14.18 -3.27
N MET A 127 15.72 -13.85 -3.27
CA MET A 127 14.74 -14.64 -3.98
C MET A 127 14.13 -13.93 -5.19
N ASN A 128 13.81 -14.70 -6.21
CA ASN A 128 13.12 -14.17 -7.38
C ASN A 128 12.06 -15.22 -7.74
N LYS A 129 11.32 -15.00 -8.83
CA LYS A 129 10.27 -15.94 -9.19
C LYS A 129 10.74 -17.33 -9.63
N ASP A 130 12.03 -17.46 -9.96
CA ASP A 130 12.53 -18.75 -10.42
C ASP A 130 13.40 -19.54 -9.45
N GLY A 131 13.90 -18.87 -8.40
CA GLY A 131 14.75 -19.54 -7.43
C GLY A 131 15.35 -18.58 -6.40
N MET A 132 16.45 -19.00 -5.79
CA MET A 132 17.12 -18.19 -4.78
C MET A 132 18.60 -18.54 -4.59
N LEU A 133 19.37 -17.54 -4.17
CA LEU A 133 20.80 -17.70 -3.91
C LEU A 133 21.04 -18.61 -2.69
N VAL A 134 22.15 -19.34 -2.71
CA VAL A 134 22.53 -20.19 -1.58
C VAL A 134 24.04 -20.05 -1.48
N ALA A 135 24.63 -20.62 -0.44
CA ALA A 135 26.09 -20.57 -0.25
C ALA A 135 26.69 -19.19 -0.50
N TYR A 136 26.17 -18.20 0.21
CA TYR A 136 26.66 -16.83 0.14
C TYR A 136 26.62 -16.18 -1.23
N GLY A 137 25.66 -16.56 -2.06
CA GLY A 137 25.57 -15.98 -3.39
C GLY A 137 26.31 -16.72 -4.50
N ASN A 138 26.92 -17.86 -4.18
CA ASN A 138 27.64 -18.61 -5.21
C ASN A 138 26.81 -19.65 -5.94
N GLY A 139 25.65 -19.99 -5.36
CA GLY A 139 24.77 -20.97 -5.95
C GLY A 139 23.37 -20.44 -6.16
N PHE A 140 22.61 -21.12 -7.00
CA PHE A 140 21.24 -20.75 -7.27
C PHE A 140 20.38 -22.00 -7.40
N ILE A 141 19.57 -22.25 -6.39
CA ILE A 141 18.72 -23.42 -6.36
C ILE A 141 17.35 -22.98 -6.88
N THR A 142 16.82 -23.71 -7.85
CA THR A 142 15.56 -23.31 -8.45
C THR A 142 14.30 -23.66 -7.69
N ARG A 143 13.31 -22.78 -7.83
CA ARG A 143 12.04 -22.92 -7.15
C ARG A 143 11.36 -24.20 -7.57
N GLU A 144 11.59 -24.58 -8.82
CA GLU A 144 11.01 -25.80 -9.35
C GLU A 144 11.67 -27.03 -8.72
N PHE A 145 13.00 -27.03 -8.66
CA PHE A 145 13.71 -28.14 -8.06
C PHE A 145 13.22 -28.39 -6.63
N LEU A 146 12.87 -27.34 -5.90
CA LEU A 146 12.40 -27.46 -4.52
C LEU A 146 11.01 -28.10 -4.40
N LYS A 147 10.18 -27.87 -5.41
CA LYS A 147 8.83 -28.45 -5.41
C LYS A 147 8.89 -29.88 -5.95
N SER A 148 10.04 -30.26 -6.49
CA SER A 148 10.21 -31.63 -7.01
C SER A 148 10.57 -32.63 -5.89
N LEU A 149 11.15 -32.12 -4.82
CA LEU A 149 11.52 -32.94 -3.66
C LEU A 149 10.26 -33.64 -3.18
N ARG A 150 10.42 -34.71 -2.41
CA ARG A 150 9.25 -35.44 -1.91
C ARG A 150 8.65 -34.74 -0.70
N LYS A 151 7.38 -35.00 -0.41
CA LYS A 151 6.75 -34.40 0.76
C LYS A 151 7.44 -34.94 2.02
N PRO A 152 7.52 -34.13 3.09
CA PRO A 152 7.02 -32.76 3.24
C PRO A 152 8.07 -31.72 2.86
N PHE A 153 9.29 -32.18 2.59
CA PHE A 153 10.37 -31.28 2.24
C PHE A 153 10.03 -30.26 1.16
N CYS A 154 9.17 -30.64 0.21
CA CYS A 154 8.79 -29.73 -0.87
C CYS A 154 7.72 -28.71 -0.46
N ASP A 155 7.18 -28.83 0.76
CA ASP A 155 6.15 -27.87 1.21
C ASP A 155 6.72 -26.83 2.15
N ILE A 156 8.05 -26.75 2.23
CA ILE A 156 8.69 -25.78 3.11
C ILE A 156 8.92 -24.42 2.46
N MET A 157 9.65 -24.39 1.34
CA MET A 157 9.98 -23.15 0.63
C MET A 157 8.90 -22.43 -0.20
N GLU A 158 8.13 -23.17 -1.00
CA GLU A 158 7.10 -22.56 -1.85
C GLU A 158 6.30 -21.41 -1.20
N PRO A 159 5.91 -21.56 0.09
CA PRO A 159 5.16 -20.48 0.75
C PRO A 159 6.04 -19.22 0.91
N LYS A 160 7.34 -19.44 1.17
CA LYS A 160 8.27 -18.33 1.32
C LYS A 160 8.39 -17.53 0.02
N PHE A 161 8.50 -18.24 -1.11
CA PHE A 161 8.62 -17.59 -2.41
C PHE A 161 7.40 -16.70 -2.63
N ASP A 162 6.23 -17.25 -2.34
CA ASP A 162 4.99 -16.51 -2.49
C ASP A 162 5.08 -15.21 -1.69
N PHE A 163 5.55 -15.29 -0.44
CA PHE A 163 5.68 -14.10 0.39
C PHE A 163 6.71 -13.14 -0.20
N ALA A 164 7.90 -13.65 -0.47
CA ALA A 164 8.98 -12.85 -1.02
C ALA A 164 8.57 -12.08 -2.28
N MET A 165 7.79 -12.72 -3.16
CA MET A 165 7.39 -12.07 -4.40
C MET A 165 6.57 -10.81 -4.12
N LYS A 166 5.69 -10.85 -3.13
CA LYS A 166 4.90 -9.68 -2.78
C LYS A 166 5.75 -8.66 -1.99
N PHE A 167 6.61 -9.17 -1.11
CA PHE A 167 7.47 -8.32 -0.30
C PHE A 167 8.46 -7.58 -1.21
N ASN A 168 9.05 -8.31 -2.15
CA ASN A 168 10.02 -7.75 -3.09
C ASN A 168 9.43 -6.69 -4.00
N ALA A 169 8.12 -6.74 -4.21
CA ALA A 169 7.45 -5.74 -5.04
C ALA A 169 7.42 -4.38 -4.31
N LEU A 170 7.64 -4.38 -3.00
CA LEU A 170 7.66 -3.12 -2.25
C LEU A 170 8.91 -2.30 -2.59
N GLU A 171 9.91 -2.96 -3.17
CA GLU A 171 11.14 -2.28 -3.56
C GLU A 171 11.89 -1.62 -2.40
N LEU A 172 12.06 -2.35 -1.32
CA LEU A 172 12.78 -1.86 -0.17
C LEU A 172 14.28 -2.05 -0.42
N ASP A 173 15.09 -1.13 0.09
CA ASP A 173 16.53 -1.24 0.00
C ASP A 173 17.01 -1.70 1.39
N ASP A 174 18.31 -1.82 1.57
CA ASP A 174 18.89 -2.26 2.85
C ASP A 174 18.65 -1.29 4.00
N SER A 175 18.39 -0.03 3.69
CA SER A 175 18.15 0.95 4.74
C SER A 175 16.74 0.73 5.32
N ASP A 176 15.79 0.33 4.49
CA ASP A 176 14.42 0.07 4.96
C ASP A 176 14.40 -1.23 5.74
N ILE A 177 15.00 -2.27 5.17
CA ILE A 177 15.06 -3.60 5.78
C ILE A 177 15.67 -3.61 7.19
N SER A 178 16.77 -2.87 7.38
CA SER A 178 17.43 -2.82 8.70
C SER A 178 16.43 -2.39 9.78
N LEU A 179 15.71 -1.30 9.55
CA LEU A 179 14.71 -0.81 10.51
C LEU A 179 13.60 -1.85 10.67
N PHE A 180 13.12 -2.38 9.55
CA PHE A 180 12.07 -3.40 9.53
C PHE A 180 12.42 -4.62 10.39
N VAL A 181 13.64 -5.12 10.25
CA VAL A 181 14.12 -6.26 11.01
C VAL A 181 14.20 -5.90 12.51
N ALA A 182 14.79 -4.74 12.81
CA ALA A 182 14.90 -4.29 14.20
C ALA A 182 13.49 -4.23 14.84
N ALA A 183 12.50 -3.82 14.06
CA ALA A 183 11.12 -3.74 14.55
C ALA A 183 10.58 -5.15 14.84
N ILE A 184 10.82 -6.10 13.93
CA ILE A 184 10.31 -7.43 14.17
C ILE A 184 11.02 -8.06 15.39
N ILE A 185 12.26 -7.66 15.63
CA ILE A 185 13.00 -8.16 16.78
C ILE A 185 12.44 -7.57 18.10
N CYS A 186 12.28 -6.25 18.16
CA CYS A 186 11.79 -5.59 19.38
C CYS A 186 10.28 -5.43 19.36
N CYS A 187 9.59 -6.57 19.43
CA CYS A 187 8.13 -6.61 19.39
C CYS A 187 7.57 -6.85 20.80
N GLY A 188 6.78 -5.90 21.30
CA GLY A 188 6.22 -6.05 22.63
C GLY A 188 5.11 -7.08 22.72
N ASP A 189 4.75 -7.68 21.58
CA ASP A 189 3.66 -8.66 21.49
C ASP A 189 4.10 -10.12 21.77
N ARG A 190 5.38 -10.36 22.00
CA ARG A 190 5.81 -11.75 22.22
C ARG A 190 5.26 -12.47 23.46
N PRO A 191 5.07 -13.80 23.35
CA PRO A 191 4.56 -14.61 24.44
C PRO A 191 5.53 -14.71 25.62
N GLY A 192 5.06 -14.32 26.80
CA GLY A 192 5.87 -14.42 27.99
C GLY A 192 6.85 -13.30 28.24
N LEU A 193 6.61 -12.14 27.64
CA LEU A 193 7.49 -11.00 27.85
C LEU A 193 7.28 -10.46 29.26
N LEU A 194 8.37 -10.27 29.99
CA LEU A 194 8.31 -9.75 31.35
C LEU A 194 7.96 -8.29 31.41
N ASN A 195 8.76 -7.45 30.75
CA ASN A 195 8.52 -6.01 30.79
C ASN A 195 7.95 -5.51 29.48
N VAL A 196 6.70 -5.90 29.23
CA VAL A 196 6.05 -5.54 28.01
C VAL A 196 6.05 -4.04 27.86
N GLY A 197 5.72 -3.32 28.93
CA GLY A 197 5.68 -1.87 28.88
C GLY A 197 6.92 -1.18 28.27
N HIS A 198 8.09 -1.43 28.86
CA HIS A 198 9.31 -0.83 28.39
C HIS A 198 9.64 -1.22 26.94
N ILE A 199 9.56 -2.53 26.65
CA ILE A 199 9.84 -3.04 25.32
C ILE A 199 8.90 -2.40 24.30
N GLU A 200 7.66 -2.18 24.72
CA GLU A 200 6.65 -1.60 23.86
C GLU A 200 7.12 -0.19 23.50
N LYS A 201 7.73 0.49 24.48
CA LYS A 201 8.22 1.83 24.30
C LYS A 201 9.39 1.81 23.31
N MET A 202 10.32 0.88 23.50
CA MET A 202 11.45 0.70 22.59
C MET A 202 10.96 0.44 21.18
N GLN A 203 9.92 -0.40 21.06
CA GLN A 203 9.31 -0.72 19.77
C GLN A 203 8.71 0.51 19.12
N GLU A 204 8.13 1.39 19.93
CA GLU A 204 7.55 2.62 19.42
C GLU A 204 8.58 3.51 18.75
N GLY A 205 9.71 3.71 19.40
CA GLY A 205 10.75 4.54 18.84
C GLY A 205 11.20 3.99 17.50
N ILE A 206 11.59 2.72 17.48
CA ILE A 206 12.04 2.09 16.26
C ILE A 206 10.96 2.18 15.20
N VAL A 207 9.72 1.88 15.58
CA VAL A 207 8.62 1.94 14.63
C VAL A 207 8.48 3.36 14.10
N HIS A 208 8.75 4.34 14.97
CA HIS A 208 8.66 5.74 14.60
C HIS A 208 9.70 6.11 13.53
N VAL A 209 10.94 5.70 13.77
CA VAL A 209 12.03 5.95 12.84
C VAL A 209 11.70 5.29 11.51
N LEU A 210 11.16 4.08 11.55
CA LEU A 210 10.79 3.32 10.35
C LEU A 210 9.77 4.10 9.53
N ARG A 211 8.70 4.54 10.19
CA ARG A 211 7.67 5.29 9.53
C ARG A 211 8.24 6.52 8.82
N LEU A 212 9.04 7.31 9.53
CA LEU A 212 9.60 8.50 8.91
C LEU A 212 10.63 8.18 7.81
N HIS A 213 11.40 7.11 7.98
CA HIS A 213 12.41 6.76 6.98
C HIS A 213 11.71 6.43 5.67
N LEU A 214 10.69 5.58 5.77
CA LEU A 214 9.90 5.14 4.62
C LEU A 214 9.29 6.32 3.87
N GLN A 215 8.85 7.34 4.60
CA GLN A 215 8.25 8.50 3.95
C GLN A 215 9.26 9.30 3.11
N SER A 216 10.47 9.51 3.62
CA SER A 216 11.45 10.26 2.84
C SER A 216 12.28 9.40 1.89
N ASN A 217 12.15 8.06 2.00
CA ASN A 217 12.88 7.15 1.11
C ASN A 217 11.94 6.72 -0.01
N HIS A 218 10.65 6.59 0.29
CA HIS A 218 9.67 6.16 -0.71
C HIS A 218 8.47 7.11 -0.71
N PRO A 219 8.71 8.40 -1.02
CA PRO A 219 7.63 9.40 -1.04
C PRO A 219 6.41 9.07 -1.94
N ASP A 220 6.59 8.22 -2.94
CA ASP A 220 5.49 7.86 -3.83
C ASP A 220 4.65 6.69 -3.36
N ASP A 221 5.11 5.95 -2.34
CA ASP A 221 4.35 4.83 -1.81
C ASP A 221 3.81 5.29 -0.46
N ILE A 222 2.81 6.16 -0.51
CA ILE A 222 2.15 6.74 0.66
C ILE A 222 1.94 5.76 1.83
N PHE A 223 1.21 4.69 1.59
CA PHE A 223 0.92 3.74 2.66
C PHE A 223 1.88 2.58 2.80
N LEU A 224 3.14 2.79 2.40
CA LEU A 224 4.15 1.74 2.51
C LEU A 224 4.32 1.30 3.98
N PHE A 225 4.37 2.23 4.91
CA PHE A 225 4.53 1.85 6.31
C PHE A 225 3.42 0.85 6.74
N PRO A 226 2.14 1.25 6.65
CA PRO A 226 1.08 0.30 7.03
C PRO A 226 1.17 -1.00 6.23
N LYS A 227 1.62 -0.91 4.99
CA LYS A 227 1.78 -2.12 4.18
C LYS A 227 2.80 -3.03 4.88
N LEU A 228 3.92 -2.46 5.32
CA LEU A 228 4.94 -3.25 6.01
C LEU A 228 4.39 -3.76 7.34
N LEU A 229 3.49 -2.98 7.93
CA LEU A 229 2.84 -3.39 9.18
C LEU A 229 2.06 -4.68 8.90
N GLN A 230 1.46 -4.79 7.72
CA GLN A 230 0.73 -6.00 7.36
C GLN A 230 1.71 -7.15 7.12
N LYS A 231 2.83 -6.83 6.49
CA LYS A 231 3.85 -7.81 6.19
C LYS A 231 4.34 -8.41 7.49
N MET A 232 4.41 -7.62 8.54
CA MET A 232 4.83 -8.15 9.83
C MET A 232 3.84 -9.19 10.33
N ALA A 233 2.55 -8.99 10.11
CA ALA A 233 1.60 -9.99 10.58
C ALA A 233 1.73 -11.24 9.71
N ASP A 234 1.78 -11.04 8.39
CA ASP A 234 1.94 -12.15 7.45
C ASP A 234 3.13 -13.05 7.80
N LEU A 235 4.27 -12.45 8.17
CA LEU A 235 5.47 -13.20 8.52
C LEU A 235 5.24 -14.02 9.79
N ARG A 236 4.44 -13.47 10.70
CA ARG A 236 4.14 -14.13 11.97
C ARG A 236 3.40 -15.43 11.69
N GLN A 237 2.39 -15.36 10.83
CA GLN A 237 1.60 -16.54 10.46
C GLN A 237 2.51 -17.48 9.67
N LEU A 238 3.23 -16.93 8.71
CA LEU A 238 4.17 -17.71 7.89
C LEU A 238 5.07 -18.60 8.75
N VAL A 239 5.69 -18.01 9.78
CA VAL A 239 6.55 -18.72 10.72
C VAL A 239 5.77 -19.73 11.55
N THR A 240 4.53 -19.38 11.91
CA THR A 240 3.71 -20.29 12.69
C THR A 240 3.53 -21.53 11.84
N GLU A 241 3.19 -21.34 10.57
CA GLU A 241 3.01 -22.48 9.69
C GLU A 241 4.31 -23.24 9.51
N HIS A 242 5.42 -22.51 9.45
CA HIS A 242 6.73 -23.12 9.29
C HIS A 242 7.07 -23.99 10.51
N ALA A 243 6.72 -23.50 11.69
CA ALA A 243 6.98 -24.26 12.91
C ALA A 243 6.15 -25.54 12.87
N GLN A 244 4.92 -25.43 12.39
CA GLN A 244 4.06 -26.59 12.32
C GLN A 244 4.73 -27.66 11.47
N LEU A 245 5.04 -27.33 10.22
CA LEU A 245 5.68 -28.28 9.33
C LEU A 245 6.95 -28.90 9.92
N VAL A 246 7.79 -28.09 10.57
CA VAL A 246 9.03 -28.61 11.13
C VAL A 246 8.71 -29.59 12.25
N GLN A 247 7.58 -29.36 12.91
CA GLN A 247 7.16 -30.27 13.96
C GLN A 247 6.78 -31.59 13.25
N ILE A 248 5.98 -31.51 12.20
CA ILE A 248 5.59 -32.71 11.46
C ILE A 248 6.81 -33.49 10.99
N ILE A 249 7.77 -32.78 10.41
CA ILE A 249 9.01 -33.40 9.93
C ILE A 249 9.75 -34.12 11.06
N LYS A 250 9.79 -33.51 12.24
CA LYS A 250 10.53 -34.15 13.33
C LYS A 250 9.90 -35.46 13.79
N LYS A 251 8.60 -35.43 14.08
CA LYS A 251 7.89 -36.62 14.54
C LYS A 251 7.64 -37.65 13.43
N THR A 252 8.14 -37.40 12.24
CA THR A 252 7.90 -38.34 11.14
C THR A 252 9.10 -38.58 10.21
N GLU A 253 10.31 -38.29 10.69
CA GLU A 253 11.50 -38.48 9.89
C GLU A 253 12.69 -38.93 10.74
N SER A 254 13.24 -40.10 10.42
CA SER A 254 14.39 -40.68 11.15
C SER A 254 15.64 -39.80 11.16
N ASP A 255 15.99 -39.25 10.00
CA ASP A 255 17.20 -38.43 9.90
C ASP A 255 16.97 -36.94 9.84
N ALA A 256 15.80 -36.50 10.25
CA ALA A 256 15.51 -35.07 10.25
C ALA A 256 16.02 -34.47 11.56
N ALA A 257 17.26 -34.77 11.92
CA ALA A 257 17.82 -34.23 13.17
C ALA A 257 17.79 -32.70 13.12
N LEU A 258 17.55 -32.06 14.27
CA LEU A 258 17.50 -30.60 14.33
C LEU A 258 18.71 -30.09 15.13
N HIS A 259 19.45 -29.13 14.58
CA HIS A 259 20.59 -28.54 15.27
C HIS A 259 20.06 -28.06 16.63
N PRO A 260 20.85 -28.21 17.71
CA PRO A 260 20.50 -27.80 19.08
C PRO A 260 19.98 -26.36 19.22
N LEU A 261 20.77 -25.42 18.74
CA LEU A 261 20.39 -24.02 18.82
C LEU A 261 19.02 -23.84 18.22
N LEU A 262 18.79 -24.43 17.05
CA LEU A 262 17.49 -24.31 16.41
C LEU A 262 16.45 -25.04 17.25
N GLN A 263 16.86 -26.20 17.76
CA GLN A 263 16.00 -27.03 18.60
C GLN A 263 15.42 -26.21 19.74
N GLU A 264 16.26 -25.46 20.45
CA GLU A 264 15.73 -24.69 21.56
C GLU A 264 14.79 -23.58 21.11
N ILE A 265 14.98 -23.09 19.88
CA ILE A 265 14.14 -22.04 19.36
C ILE A 265 12.71 -22.53 19.14
N TYR A 266 12.56 -23.64 18.42
CA TYR A 266 11.24 -24.21 18.15
C TYR A 266 10.55 -24.73 19.42
N ARG A 267 11.32 -25.23 20.39
CA ARG A 267 10.71 -25.74 21.62
C ARG A 267 9.70 -24.80 22.26
N ASP A 268 8.47 -25.28 22.41
CA ASP A 268 7.38 -24.54 23.03
C ASP A 268 6.91 -23.31 22.27
N MET A 269 7.39 -23.15 21.04
CA MET A 269 7.00 -22.00 20.24
C MET A 269 5.55 -22.15 19.70
N LEU B 1 13.05 -22.40 34.01
CA LEU B 1 13.08 -20.96 33.61
C LEU B 1 13.46 -20.83 32.13
N THR B 2 13.15 -19.68 31.54
CA THR B 2 13.41 -19.45 30.14
C THR B 2 14.87 -19.74 29.73
N GLU B 3 15.70 -20.19 30.68
CA GLU B 3 17.09 -20.55 30.36
C GLU B 3 17.16 -22.02 29.96
N ARG B 4 16.19 -22.40 29.16
CA ARG B 4 16.11 -23.71 28.56
C ARG B 4 16.51 -23.35 27.13
N HIS B 5 17.25 -22.23 27.05
CA HIS B 5 17.80 -21.70 25.81
C HIS B 5 19.24 -21.36 26.14
N LYS B 6 20.00 -22.39 26.50
CA LYS B 6 21.40 -22.28 26.87
C LYS B 6 22.31 -21.71 25.78
N ILE B 7 22.25 -22.30 24.60
CA ILE B 7 23.09 -21.82 23.50
C ILE B 7 22.77 -20.36 23.17
N LEU B 8 21.49 -20.10 22.95
CA LEU B 8 21.03 -18.75 22.62
C LEU B 8 21.45 -17.77 23.71
N HIS B 9 21.28 -18.18 24.96
CA HIS B 9 21.66 -17.37 26.12
C HIS B 9 23.11 -17.02 25.99
N ARG B 10 23.96 -18.02 25.78
CA ARG B 10 25.40 -17.78 25.66
C ARG B 10 25.74 -16.80 24.52
N LEU B 11 24.97 -16.83 23.45
CA LEU B 11 25.25 -15.92 22.35
C LEU B 11 24.96 -14.53 22.83
N LEU B 12 23.92 -14.40 23.66
CA LEU B 12 23.51 -13.10 24.20
C LEU B 12 24.51 -12.51 25.20
N GLN B 13 25.23 -13.40 25.89
CA GLN B 13 26.24 -13.01 26.87
C GLN B 13 27.62 -12.76 26.24
N GLU B 14 28.33 -13.83 25.90
CA GLU B 14 29.64 -13.71 25.29
C GLU B 14 29.53 -13.15 23.86
N GLY B 15 29.09 -13.99 22.94
CA GLY B 15 28.97 -13.57 21.56
C GLY B 15 29.07 -14.82 20.71
N GLU C 1 -16.03 16.92 -37.58
CA GLU C 1 -15.52 17.91 -36.56
C GLU C 1 -14.47 18.87 -37.12
N THR C 2 -14.82 20.14 -37.19
CA THR C 2 -13.94 21.15 -37.75
C THR C 2 -12.62 21.30 -37.00
N ALA C 3 -11.83 22.30 -37.40
CA ALA C 3 -10.52 22.56 -36.79
C ALA C 3 -10.52 23.23 -35.41
N ASP C 4 -11.29 24.31 -35.24
CA ASP C 4 -11.33 24.99 -33.94
C ASP C 4 -12.04 24.16 -32.88
N LEU C 5 -13.02 23.36 -33.30
CA LEU C 5 -13.75 22.50 -32.36
C LEU C 5 -12.80 21.43 -31.85
N LYS C 6 -11.91 20.99 -32.72
CA LYS C 6 -10.97 19.95 -32.33
C LYS C 6 -9.98 20.54 -31.35
N SER C 7 -9.59 21.79 -31.62
CA SER C 7 -8.65 22.51 -30.78
C SER C 7 -9.25 22.75 -29.38
N LEU C 8 -10.46 23.29 -29.35
CA LEU C 8 -11.16 23.57 -28.11
C LEU C 8 -11.27 22.32 -27.20
N ALA C 9 -11.61 21.17 -27.77
CA ALA C 9 -11.71 19.98 -26.95
C ALA C 9 -10.35 19.63 -26.36
N LYS C 10 -9.30 19.77 -27.17
CA LYS C 10 -7.98 19.43 -26.70
C LYS C 10 -7.39 20.40 -25.68
N ARG C 11 -7.80 21.66 -25.72
CA ARG C 11 -7.33 22.62 -24.73
C ARG C 11 -8.06 22.38 -23.41
N ILE C 12 -9.32 21.94 -23.48
CA ILE C 12 -10.06 21.64 -22.27
C ILE C 12 -9.43 20.39 -21.62
N TYR C 13 -9.09 19.40 -22.45
CA TYR C 13 -8.46 18.17 -22.01
C TYR C 13 -7.07 18.42 -21.37
N GLU C 14 -6.33 19.38 -21.89
CA GLU C 14 -5.02 19.71 -21.33
C GLU C 14 -5.28 20.34 -19.93
N ALA C 15 -6.25 21.24 -19.86
CA ALA C 15 -6.60 21.90 -18.60
C ALA C 15 -6.99 20.86 -17.58
N TYR C 16 -7.68 19.83 -18.05
CA TYR C 16 -8.11 18.76 -17.18
C TYR C 16 -6.91 17.94 -16.69
N LEU C 17 -6.04 17.53 -17.60
CA LEU C 17 -4.88 16.75 -17.20
C LEU C 17 -3.92 17.56 -16.32
N LYS C 18 -4.02 18.89 -16.38
CA LYS C 18 -3.12 19.69 -15.58
C LYS C 18 -3.66 20.20 -14.24
N ASN C 19 -4.97 20.20 -14.06
CA ASN C 19 -5.53 20.68 -12.80
C ASN C 19 -5.91 19.56 -11.84
N PHE C 20 -6.18 18.38 -12.36
CA PHE C 20 -6.58 17.27 -11.52
C PHE C 20 -5.48 16.23 -11.27
N ASN C 21 -5.15 16.04 -10.00
CA ASN C 21 -4.12 15.10 -9.60
C ASN C 21 -4.47 13.64 -9.93
N MET C 22 -5.76 13.37 -10.08
CA MET C 22 -6.15 12.01 -10.41
C MET C 22 -6.99 12.01 -11.70
N ASN C 23 -6.73 11.03 -12.56
CA ASN C 23 -7.50 10.91 -13.80
C ASN C 23 -7.78 9.43 -14.07
N LYS C 24 -8.66 9.16 -15.03
CA LYS C 24 -9.05 7.79 -15.32
C LYS C 24 -7.92 6.87 -15.79
N VAL C 25 -7.02 7.41 -16.60
CA VAL C 25 -5.89 6.63 -17.09
C VAL C 25 -5.07 6.04 -15.94
N LYS C 26 -4.68 6.88 -14.99
CA LYS C 26 -3.90 6.43 -13.84
C LYS C 26 -4.70 5.51 -12.95
N ALA C 27 -5.96 5.87 -12.76
CA ALA C 27 -6.83 5.09 -11.89
C ALA C 27 -7.06 3.69 -12.46
N ARG C 28 -7.07 3.58 -13.79
CA ARG C 28 -7.31 2.27 -14.40
C ARG C 28 -6.17 1.28 -14.34
N VAL C 29 -4.94 1.76 -14.52
CA VAL C 29 -3.78 0.85 -14.48
C VAL C 29 -3.49 0.36 -13.07
N ILE C 30 -3.86 1.15 -12.08
CA ILE C 30 -3.63 0.80 -10.67
C ILE C 30 -4.66 -0.26 -10.25
N LEU C 31 -5.86 -0.18 -10.81
CA LEU C 31 -6.92 -1.13 -10.48
C LEU C 31 -6.73 -2.40 -11.33
N SER C 32 -5.79 -2.34 -12.26
CA SER C 32 -5.48 -3.48 -13.12
C SER C 32 -4.52 -4.44 -12.47
N GLY C 33 -3.25 -4.05 -12.43
CA GLY C 33 -2.22 -4.91 -11.86
C GLY C 33 -1.21 -5.13 -12.97
N ALA C 34 -1.60 -4.69 -14.17
CA ALA C 34 -0.80 -4.82 -15.39
C ALA C 34 0.43 -3.90 -15.47
N ALA C 35 0.66 -3.06 -14.47
CA ALA C 35 1.83 -2.20 -14.58
C ALA C 35 2.74 -2.32 -13.36
N SER C 36 2.16 -2.76 -12.25
CA SER C 36 2.93 -2.94 -11.02
C SER C 36 2.40 -4.13 -10.23
N ASN C 37 3.24 -4.64 -9.32
CA ASN C 37 2.89 -5.76 -8.47
C ASN C 37 2.76 -5.29 -7.00
N ASN C 38 2.82 -3.97 -6.81
CA ASN C 38 2.69 -3.32 -5.51
C ASN C 38 1.32 -2.62 -5.47
N PRO C 39 0.24 -3.39 -5.21
CA PRO C 39 -1.11 -2.83 -5.16
C PRO C 39 -1.31 -1.85 -4.02
N PRO C 40 -2.42 -1.09 -4.05
CA PRO C 40 -2.74 -0.09 -3.01
C PRO C 40 -3.00 -0.78 -1.67
N PHE C 41 -2.75 -0.07 -0.57
CA PHE C 41 -3.03 -0.64 0.75
C PHE C 41 -4.57 -0.72 0.84
N VAL C 42 -5.08 -1.89 1.21
CA VAL C 42 -6.52 -2.09 1.30
C VAL C 42 -7.15 -1.75 2.67
N ILE C 43 -8.14 -0.87 2.64
CA ILE C 43 -8.86 -0.47 3.85
C ILE C 43 -10.20 -1.20 3.84
N HIS C 44 -10.23 -2.39 4.43
CA HIS C 44 -11.43 -3.21 4.47
C HIS C 44 -12.13 -3.32 5.81
N ASP C 45 -11.48 -2.86 6.87
CA ASP C 45 -12.06 -2.92 8.21
C ASP C 45 -11.58 -1.75 9.05
N MET C 46 -11.95 -1.78 10.33
CA MET C 46 -11.55 -0.73 11.28
C MET C 46 -10.06 -0.74 11.61
N GLU C 47 -9.42 -1.91 11.52
CA GLU C 47 -8.01 -2.00 11.83
C GLU C 47 -7.16 -1.48 10.65
N THR C 48 -7.52 -1.88 9.44
CA THR C 48 -6.81 -1.43 8.28
C THR C 48 -7.05 0.07 8.19
N LEU C 49 -8.19 0.54 8.70
CA LEU C 49 -8.42 1.99 8.65
C LEU C 49 -7.35 2.57 9.56
N CYS C 50 -7.38 2.13 10.82
CA CYS C 50 -6.44 2.57 11.85
C CYS C 50 -5.03 2.59 11.28
N MET C 51 -4.62 1.45 10.73
CA MET C 51 -3.30 1.29 10.14
C MET C 51 -2.97 2.38 9.13
N ALA C 52 -3.83 2.55 8.13
CA ALA C 52 -3.62 3.57 7.09
C ALA C 52 -3.58 4.91 7.77
N GLU C 53 -4.44 5.11 8.75
CA GLU C 53 -4.46 6.39 9.46
C GLU C 53 -3.10 6.79 10.02
N LYS C 54 -2.31 5.80 10.45
CA LYS C 54 -0.96 6.02 11.00
C LYS C 54 -0.08 6.90 10.08
N THR C 55 -0.25 6.73 8.76
CA THR C 55 0.47 7.50 7.76
C THR C 55 -0.12 8.89 7.66
N LEU C 56 -1.44 8.94 7.79
CA LEU C 56 -2.21 10.18 7.73
C LEU C 56 -2.24 10.87 9.12
N VAL C 57 -1.44 10.36 10.06
CA VAL C 57 -1.41 10.92 11.42
C VAL C 57 -1.21 12.44 11.46
N ALA C 58 -0.22 12.93 10.74
CA ALA C 58 0.03 14.36 10.75
C ALA C 58 -1.23 15.19 10.48
N LYS C 59 -1.84 14.94 9.33
CA LYS C 59 -3.02 15.68 8.88
C LYS C 59 -4.26 15.64 9.77
N LEU C 60 -4.41 14.58 10.56
CA LEU C 60 -5.58 14.49 11.43
C LEU C 60 -5.31 14.82 12.90
N VAL C 61 -4.10 15.26 13.21
CA VAL C 61 -3.78 15.63 14.60
C VAL C 61 -3.50 17.15 14.63
N ILE C 65 -9.44 15.27 14.90
CA ILE C 65 -10.33 14.10 14.83
C ILE C 65 -9.55 12.83 15.14
N GLN C 66 -8.41 13.00 15.80
CA GLN C 66 -7.56 11.87 16.16
C GLN C 66 -8.28 10.82 17.01
N ASN C 67 -9.00 11.27 18.03
CA ASN C 67 -9.72 10.34 18.91
C ASN C 67 -11.24 10.37 18.72
N LYS C 68 -11.68 10.75 17.54
CA LYS C 68 -13.12 10.79 17.28
C LYS C 68 -13.58 9.44 16.69
N GLU C 69 -14.89 9.26 16.56
CA GLU C 69 -15.43 8.03 16.00
C GLU C 69 -14.85 7.77 14.60
N ALA C 70 -14.80 6.51 14.20
CA ALA C 70 -14.26 6.13 12.89
C ALA C 70 -15.04 6.76 11.73
N GLU C 71 -16.36 6.64 11.79
CA GLU C 71 -17.23 7.22 10.76
C GLU C 71 -16.97 8.73 10.64
N VAL C 72 -16.55 9.35 11.73
CA VAL C 72 -16.29 10.79 11.71
C VAL C 72 -14.93 11.12 11.09
N ARG C 73 -13.92 10.35 11.46
CA ARG C 73 -12.59 10.56 10.89
C ARG C 73 -12.66 10.36 9.37
N ILE C 74 -13.46 9.38 8.95
CA ILE C 74 -13.66 9.08 7.54
C ILE C 74 -14.41 10.23 6.87
N PHE C 75 -15.45 10.70 7.55
CA PHE C 75 -16.25 11.80 7.05
C PHE C 75 -15.32 13.00 6.83
N HIS C 76 -14.43 13.25 7.79
CA HIS C 76 -13.49 14.37 7.69
C HIS C 76 -12.44 14.22 6.58
N CYS C 77 -11.90 13.02 6.41
CA CYS C 77 -10.91 12.79 5.38
C CYS C 77 -11.54 13.06 4.00
N CYS C 78 -12.71 12.49 3.74
CA CYS C 78 -13.41 12.67 2.46
C CYS C 78 -13.60 14.13 2.17
N GLN C 79 -13.95 14.84 3.23
CA GLN C 79 -14.17 16.25 3.15
C GLN C 79 -12.92 16.96 2.64
N CYS C 80 -11.76 16.52 3.10
CA CYS C 80 -10.50 17.13 2.66
C CYS C 80 -10.26 16.89 1.17
N THR C 81 -10.55 15.67 0.71
CA THR C 81 -10.40 15.35 -0.72
C THR C 81 -11.34 16.26 -1.51
N SER C 82 -12.56 16.45 -0.99
CA SER C 82 -13.57 17.31 -1.60
C SER C 82 -13.11 18.76 -1.63
N VAL C 83 -12.55 19.25 -0.53
CA VAL C 83 -12.05 20.61 -0.50
C VAL C 83 -10.96 20.74 -1.57
N GLU C 84 -10.08 19.75 -1.65
CA GLU C 84 -9.02 19.74 -2.65
C GLU C 84 -9.59 19.75 -4.11
N THR C 85 -10.63 18.97 -4.36
CA THR C 85 -11.21 18.93 -5.72
C THR C 85 -11.92 20.25 -6.09
N VAL C 86 -12.64 20.85 -5.14
CA VAL C 86 -13.30 22.13 -5.41
C VAL C 86 -12.21 23.10 -5.84
N THR C 87 -11.06 23.01 -5.18
CA THR C 87 -9.93 23.88 -5.50
C THR C 87 -9.41 23.66 -6.92
N GLU C 88 -9.27 22.40 -7.31
CA GLU C 88 -8.79 22.09 -8.64
C GLU C 88 -9.85 22.48 -9.70
N LEU C 89 -11.13 22.31 -9.38
CA LEU C 89 -12.21 22.66 -10.32
C LEU C 89 -12.18 24.13 -10.70
N THR C 90 -11.96 24.98 -9.70
CA THR C 90 -11.89 26.43 -9.89
C THR C 90 -10.81 26.78 -10.90
N GLU C 91 -9.65 26.13 -10.79
CA GLU C 91 -8.58 26.38 -11.76
C GLU C 91 -8.99 25.83 -13.12
N PHE C 92 -9.64 24.67 -13.12
CA PHE C 92 -10.13 24.10 -14.36
C PHE C 92 -11.05 25.11 -15.07
N ALA C 93 -12.08 25.56 -14.34
CA ALA C 93 -13.06 26.51 -14.87
C ALA C 93 -12.42 27.71 -15.51
N LYS C 94 -11.39 28.24 -14.84
CA LYS C 94 -10.66 29.40 -15.34
C LYS C 94 -10.06 29.08 -16.69
N ALA C 95 -9.64 27.84 -16.89
CA ALA C 95 -9.04 27.43 -18.16
C ALA C 95 -10.05 27.29 -19.28
N ILE C 96 -11.33 27.15 -18.94
CA ILE C 96 -12.38 27.03 -19.95
C ILE C 96 -12.64 28.40 -20.53
N PRO C 97 -12.25 28.62 -21.80
CA PRO C 97 -12.43 29.91 -22.49
C PRO C 97 -13.81 30.50 -22.28
N GLY C 98 -13.87 31.77 -21.86
CA GLY C 98 -15.16 32.42 -21.64
C GLY C 98 -15.55 32.54 -20.18
N PHE C 99 -15.27 31.48 -19.42
CA PHE C 99 -15.61 31.46 -17.99
C PHE C 99 -15.05 32.65 -17.21
N ALA C 100 -13.75 32.89 -17.30
CA ALA C 100 -13.16 34.00 -16.55
C ALA C 100 -13.81 35.35 -16.88
N ASN C 101 -14.08 35.60 -18.17
CA ASN C 101 -14.70 36.88 -18.56
C ASN C 101 -16.14 36.98 -18.04
N LEU C 102 -16.56 36.00 -17.25
CA LEU C 102 -17.92 35.99 -16.71
C LEU C 102 -18.10 36.87 -15.48
N ASP C 103 -19.35 37.19 -15.17
CA ASP C 103 -19.59 38.00 -14.01
C ASP C 103 -19.25 37.19 -12.76
N LEU C 104 -18.31 37.70 -11.96
CA LEU C 104 -17.90 37.07 -10.71
C LEU C 104 -19.08 36.33 -10.11
N ASN C 105 -20.17 37.04 -9.83
CA ASN C 105 -21.37 36.43 -9.26
C ASN C 105 -21.75 35.13 -9.98
N ASP C 106 -21.83 35.17 -11.32
CA ASP C 106 -22.17 34.00 -12.10
C ASP C 106 -21.14 32.88 -11.88
N GLN C 107 -19.87 33.24 -11.93
CA GLN C 107 -18.79 32.28 -11.73
C GLN C 107 -18.91 31.48 -10.42
N VAL C 108 -19.16 32.15 -9.30
CA VAL C 108 -19.27 31.37 -8.08
C VAL C 108 -20.52 30.54 -8.16
N THR C 109 -21.61 31.11 -8.69
CA THR C 109 -22.85 30.35 -8.81
C THR C 109 -22.62 29.13 -9.67
N LEU C 110 -21.97 29.35 -10.80
CA LEU C 110 -21.67 28.28 -11.74
C LEU C 110 -20.92 27.19 -11.01
N LEU C 111 -19.89 27.57 -10.25
CA LEU C 111 -19.10 26.61 -9.46
C LEU C 111 -19.86 26.03 -8.26
N LYS C 112 -20.63 26.88 -7.59
CA LYS C 112 -21.41 26.47 -6.42
C LYS C 112 -22.30 25.26 -6.67
N TYR C 113 -22.97 25.19 -7.82
CA TYR C 113 -23.87 24.07 -8.15
C TYR C 113 -23.29 22.94 -9.00
N GLY C 114 -22.23 23.24 -9.73
CA GLY C 114 -21.62 22.22 -10.58
C GLY C 114 -20.61 21.34 -9.89
N VAL C 115 -19.79 21.94 -9.05
CA VAL C 115 -18.73 21.24 -8.34
C VAL C 115 -19.01 19.82 -7.85
N TYR C 116 -20.05 19.62 -7.05
CA TYR C 116 -20.34 18.27 -6.57
C TYR C 116 -20.73 17.31 -7.70
N GLU C 117 -21.40 17.85 -8.72
CA GLU C 117 -21.81 17.03 -9.83
C GLU C 117 -20.53 16.55 -10.49
N ALA C 118 -19.55 17.46 -10.61
CA ALA C 118 -18.28 17.14 -11.22
C ALA C 118 -17.52 16.14 -10.39
N ILE C 119 -17.53 16.33 -9.07
CA ILE C 119 -16.86 15.43 -8.13
C ILE C 119 -17.32 13.97 -8.28
N PHE C 120 -18.61 13.72 -8.14
CA PHE C 120 -19.12 12.35 -8.24
C PHE C 120 -18.96 11.77 -9.63
N ALA C 121 -18.96 12.65 -10.62
CA ALA C 121 -18.74 12.20 -11.98
C ALA C 121 -17.29 11.72 -12.11
N MET C 122 -16.34 12.48 -11.57
CA MET C 122 -14.93 12.10 -11.64
C MET C 122 -14.52 11.02 -10.64
N LEU C 123 -15.27 10.92 -9.55
CA LEU C 123 -14.97 9.91 -8.54
C LEU C 123 -15.27 8.51 -9.11
N SER C 124 -16.16 8.48 -10.10
CA SER C 124 -16.54 7.24 -10.74
C SER C 124 -15.30 6.55 -11.30
N SER C 125 -14.36 7.37 -11.78
CA SER C 125 -13.12 6.89 -12.33
C SER C 125 -12.34 5.99 -11.42
N VAL C 126 -12.32 6.30 -10.13
CA VAL C 126 -11.56 5.47 -9.20
C VAL C 126 -12.43 4.42 -8.52
N MET C 127 -13.64 4.24 -9.01
CA MET C 127 -14.55 3.27 -8.43
C MET C 127 -14.77 2.02 -9.27
N ASN C 128 -14.85 0.88 -8.61
CA ASN C 128 -15.20 -0.37 -9.30
C ASN C 128 -16.24 -1.00 -8.40
N LYS C 129 -16.79 -2.14 -8.79
CA LYS C 129 -17.82 -2.77 -7.98
C LYS C 129 -17.42 -3.11 -6.54
N ASP C 130 -16.13 -3.35 -6.31
CA ASP C 130 -15.65 -3.75 -4.99
C ASP C 130 -15.25 -2.62 -4.06
N GLY C 131 -15.01 -1.44 -4.62
CA GLY C 131 -14.58 -0.32 -3.81
C GLY C 131 -13.98 0.80 -4.65
N MET C 132 -13.15 1.64 -4.03
CA MET C 132 -12.54 2.76 -4.73
C MET C 132 -11.17 3.15 -4.17
N LEU C 133 -10.34 3.74 -5.04
CA LEU C 133 -9.03 4.21 -4.66
C LEU C 133 -9.19 5.51 -3.85
N VAL C 134 -8.29 5.71 -2.89
CA VAL C 134 -8.27 6.91 -2.06
C VAL C 134 -6.83 7.38 -1.99
N ALA C 135 -6.62 8.55 -1.40
CA ALA C 135 -5.28 9.12 -1.23
C ALA C 135 -4.43 9.00 -2.49
N TYR C 136 -4.90 9.61 -3.58
CA TYR C 136 -4.17 9.62 -4.83
C TYR C 136 -3.84 8.23 -5.38
N GLY C 137 -4.71 7.26 -5.20
CA GLY C 137 -4.43 5.93 -5.72
C GLY C 137 -3.52 5.02 -4.91
N ASN C 138 -3.09 5.47 -3.73
CA ASN C 138 -2.22 4.65 -2.89
C ASN C 138 -3.00 3.67 -2.02
N GLY C 139 -4.27 4.00 -1.75
CA GLY C 139 -5.11 3.13 -0.94
C GLY C 139 -6.36 2.67 -1.68
N PHE C 140 -7.09 1.72 -1.09
CA PHE C 140 -8.33 1.22 -1.68
C PHE C 140 -9.29 0.80 -0.57
N ILE C 141 -10.37 1.56 -0.45
CA ILE C 141 -11.37 1.30 0.57
C ILE C 141 -12.46 0.48 -0.06
N THR C 142 -12.86 -0.60 0.61
CA THR C 142 -13.87 -1.49 0.07
C THR C 142 -15.28 -1.00 0.25
N ARG C 143 -16.12 -1.32 -0.71
CA ARG C 143 -17.53 -0.96 -0.71
C ARG C 143 -18.24 -1.55 0.51
N GLU C 144 -17.86 -2.78 0.86
CA GLU C 144 -18.42 -3.48 2.01
C GLU C 144 -18.15 -2.78 3.36
N PHE C 145 -16.95 -2.22 3.50
CA PHE C 145 -16.61 -1.55 4.73
C PHE C 145 -17.40 -0.25 4.87
N LEU C 146 -17.64 0.44 3.76
CA LEU C 146 -18.40 1.70 3.80
C LEU C 146 -19.86 1.44 4.15
N LYS C 147 -20.35 0.26 3.79
CA LYS C 147 -21.72 -0.14 4.08
C LYS C 147 -21.82 -0.56 5.54
N SER C 148 -20.75 -1.16 6.06
CA SER C 148 -20.76 -1.60 7.46
C SER C 148 -20.78 -0.43 8.45
N LEU C 149 -20.40 0.76 8.01
CA LEU C 149 -20.39 1.90 8.92
C LEU C 149 -21.80 2.09 9.50
N ARG C 150 -21.92 2.87 10.57
CA ARG C 150 -23.25 3.04 11.13
C ARG C 150 -23.99 4.24 10.58
N LYS C 151 -25.31 4.10 10.49
CA LYS C 151 -26.15 5.16 9.96
C LYS C 151 -25.81 6.51 10.61
N PRO C 152 -25.86 7.59 9.82
CA PRO C 152 -26.22 7.56 8.41
C PRO C 152 -24.98 7.57 7.50
N PHE C 153 -23.79 7.39 8.10
CA PHE C 153 -22.56 7.40 7.32
C PHE C 153 -22.54 6.30 6.28
N CYS C 154 -23.11 5.15 6.60
CA CYS C 154 -23.15 4.03 5.66
C CYS C 154 -24.11 4.29 4.49
N ASP C 155 -24.77 5.45 4.48
CA ASP C 155 -25.71 5.75 3.39
C ASP C 155 -25.21 6.77 2.40
N ILE C 156 -24.01 7.27 2.62
CA ILE C 156 -23.42 8.27 1.75
C ILE C 156 -22.90 7.72 0.42
N MET C 157 -21.99 6.75 0.48
CA MET C 157 -21.35 6.19 -0.73
C MET C 157 -22.06 5.17 -1.64
N GLU C 158 -22.89 4.30 -1.08
CA GLU C 158 -23.55 3.29 -1.90
C GLU C 158 -24.28 3.82 -3.15
N PRO C 159 -24.99 4.96 -3.04
CA PRO C 159 -25.69 5.51 -4.22
C PRO C 159 -24.69 5.94 -5.29
N LYS C 160 -23.55 6.43 -4.86
CA LYS C 160 -22.52 6.86 -5.79
C LYS C 160 -21.86 5.69 -6.48
N PHE C 161 -21.72 4.57 -5.77
CA PHE C 161 -21.13 3.35 -6.35
C PHE C 161 -22.10 2.85 -7.42
N ASP C 162 -23.38 2.92 -7.10
CA ASP C 162 -24.41 2.48 -8.01
C ASP C 162 -24.37 3.31 -9.30
N PHE C 163 -24.30 4.63 -9.14
CA PHE C 163 -24.25 5.52 -10.29
C PHE C 163 -22.99 5.26 -11.12
N ALA C 164 -21.86 5.08 -10.43
CA ALA C 164 -20.58 4.84 -11.08
C ALA C 164 -20.54 3.54 -11.89
N MET C 165 -21.20 2.50 -11.40
CA MET C 165 -21.22 1.24 -12.15
C MET C 165 -21.83 1.49 -13.53
N LYS C 166 -22.98 2.17 -13.59
CA LYS C 166 -23.60 2.45 -14.87
C LYS C 166 -22.75 3.42 -15.68
N PHE C 167 -22.41 4.55 -15.06
CA PHE C 167 -21.60 5.56 -15.72
C PHE C 167 -20.30 4.99 -16.32
N ASN C 168 -19.63 4.10 -15.60
CA ASN C 168 -18.39 3.49 -16.09
C ASN C 168 -18.66 2.53 -17.24
N ALA C 169 -19.88 2.04 -17.37
CA ALA C 169 -20.23 1.12 -18.44
C ALA C 169 -20.16 1.85 -19.80
N LEU C 170 -20.28 3.18 -19.78
CA LEU C 170 -20.21 3.97 -21.00
C LEU C 170 -18.79 4.03 -21.57
N GLU C 171 -17.81 3.58 -20.80
CA GLU C 171 -16.42 3.55 -21.26
C GLU C 171 -15.82 4.90 -21.70
N LEU C 172 -16.15 5.97 -20.98
CA LEU C 172 -15.60 7.27 -21.29
C LEU C 172 -14.11 7.27 -20.96
N ASP C 173 -13.35 8.16 -21.60
CA ASP C 173 -11.92 8.29 -21.31
C ASP C 173 -11.70 9.74 -20.86
N ASP C 174 -10.48 10.07 -20.43
CA ASP C 174 -10.19 11.44 -19.96
C ASP C 174 -10.56 12.56 -20.96
N SER C 175 -10.54 12.29 -22.27
CA SER C 175 -10.91 13.35 -23.22
C SER C 175 -12.42 13.58 -23.19
N ASP C 176 -13.20 12.51 -23.01
CA ASP C 176 -14.64 12.64 -22.93
C ASP C 176 -14.99 13.35 -21.63
N ILE C 177 -14.47 12.81 -20.53
CA ILE C 177 -14.75 13.35 -19.21
C ILE C 177 -14.42 14.82 -19.07
N SER C 178 -13.28 15.23 -19.62
CA SER C 178 -12.90 16.64 -19.53
C SER C 178 -14.01 17.51 -20.12
N LEU C 179 -14.52 17.14 -21.29
CA LEU C 179 -15.57 17.92 -21.93
C LEU C 179 -16.85 17.88 -21.13
N PHE C 180 -17.12 16.71 -20.55
CA PHE C 180 -18.31 16.48 -19.73
C PHE C 180 -18.26 17.33 -18.47
N VAL C 181 -17.14 17.31 -17.76
CA VAL C 181 -17.01 18.11 -16.55
C VAL C 181 -17.20 19.59 -16.88
N ALA C 182 -16.62 20.03 -18.00
CA ALA C 182 -16.75 21.41 -18.41
C ALA C 182 -18.22 21.74 -18.75
N ALA C 183 -18.94 20.79 -19.32
CA ALA C 183 -20.35 21.02 -19.62
C ALA C 183 -21.11 21.22 -18.30
N ILE C 184 -20.81 20.36 -17.31
CA ILE C 184 -21.42 20.44 -15.99
C ILE C 184 -21.32 21.84 -15.37
N ILE C 185 -20.14 22.45 -15.42
CA ILE C 185 -19.96 23.78 -14.84
C ILE C 185 -20.67 24.89 -15.61
N CYS C 186 -20.54 24.90 -16.94
CA CYS C 186 -21.17 25.91 -17.79
C CYS C 186 -22.64 25.58 -18.10
N CYS C 187 -23.47 25.57 -17.05
CA CYS C 187 -24.89 25.22 -17.16
C CYS C 187 -25.78 26.45 -16.99
N GLY C 188 -26.66 26.73 -17.97
CA GLY C 188 -27.53 27.90 -17.88
C GLY C 188 -28.70 27.74 -16.91
N ASP C 189 -28.83 26.54 -16.36
CA ASP C 189 -29.92 26.21 -15.46
C ASP C 189 -29.59 26.50 -14.00
N ARG C 190 -28.48 27.20 -13.75
CA ARG C 190 -28.12 27.47 -12.36
C ARG C 190 -28.98 28.57 -11.76
N PRO C 191 -29.59 28.28 -10.60
CA PRO C 191 -30.46 29.23 -9.88
C PRO C 191 -29.82 30.60 -9.78
N GLY C 192 -30.64 31.62 -10.01
CA GLY C 192 -30.18 33.00 -9.92
C GLY C 192 -28.86 33.42 -10.55
N LEU C 193 -28.74 33.31 -11.86
CA LEU C 193 -27.52 33.74 -12.52
C LEU C 193 -27.82 35.12 -13.08
N LEU C 194 -26.79 35.95 -13.20
CA LEU C 194 -27.00 37.28 -13.72
C LEU C 194 -27.10 37.22 -15.25
N ASN C 195 -25.97 37.25 -15.98
CA ASN C 195 -26.06 37.16 -17.43
C ASN C 195 -26.43 35.74 -17.89
N VAL C 196 -27.64 35.32 -17.55
CA VAL C 196 -28.16 33.98 -17.87
C VAL C 196 -28.23 33.64 -19.37
N GLY C 197 -28.10 34.64 -20.23
CA GLY C 197 -28.16 34.38 -21.66
C GLY C 197 -26.81 34.09 -22.28
N HIS C 198 -25.77 34.71 -21.73
CA HIS C 198 -24.40 34.54 -22.22
C HIS C 198 -23.81 33.18 -21.85
N ILE C 199 -24.26 32.63 -20.74
CA ILE C 199 -23.76 31.31 -20.32
C ILE C 199 -24.36 30.25 -21.23
N GLU C 200 -25.64 30.42 -21.56
CA GLU C 200 -26.32 29.49 -22.44
C GLU C 200 -25.52 29.33 -23.74
N LYS C 201 -24.98 30.44 -24.24
CA LYS C 201 -24.18 30.39 -25.46
C LYS C 201 -23.06 29.36 -25.31
N MET C 202 -22.13 29.63 -24.38
CA MET C 202 -20.98 28.74 -24.19
C MET C 202 -21.33 27.29 -23.85
N GLN C 203 -22.56 27.07 -23.38
CA GLN C 203 -23.05 25.75 -23.04
C GLN C 203 -23.32 24.93 -24.29
N GLU C 204 -24.08 25.53 -25.20
CA GLU C 204 -24.37 24.86 -26.45
C GLU C 204 -23.08 24.60 -27.21
N GLY C 205 -22.06 25.45 -27.02
CA GLY C 205 -20.79 25.24 -27.70
C GLY C 205 -20.05 24.04 -27.14
N ILE C 206 -19.82 24.02 -25.83
CA ILE C 206 -19.14 22.89 -25.20
C ILE C 206 -19.95 21.63 -25.48
N VAL C 207 -21.24 21.71 -25.19
CA VAL C 207 -22.14 20.58 -25.43
C VAL C 207 -21.97 20.13 -26.88
N HIS C 208 -21.86 21.11 -27.78
CA HIS C 208 -21.69 20.84 -29.20
C HIS C 208 -20.39 20.07 -29.44
N VAL C 209 -19.29 20.63 -28.96
CA VAL C 209 -18.02 19.94 -29.11
C VAL C 209 -18.16 18.51 -28.57
N LEU C 210 -18.71 18.38 -27.36
CA LEU C 210 -18.92 17.08 -26.74
C LEU C 210 -19.64 16.13 -27.71
N ARG C 211 -20.81 16.54 -28.17
CA ARG C 211 -21.60 15.73 -29.09
C ARG C 211 -20.74 15.25 -30.27
N LEU C 212 -20.05 16.17 -30.92
CA LEU C 212 -19.19 15.78 -32.04
C LEU C 212 -18.04 14.91 -31.56
N HIS C 213 -17.39 15.31 -30.48
CA HIS C 213 -16.25 14.55 -29.92
C HIS C 213 -16.62 13.08 -29.70
N LEU C 214 -17.72 12.85 -28.99
CA LEU C 214 -18.18 11.51 -28.69
C LEU C 214 -18.50 10.69 -29.93
N GLN C 215 -19.09 11.33 -30.95
CA GLN C 215 -19.44 10.63 -32.18
C GLN C 215 -18.27 10.08 -32.96
N SER C 216 -17.09 10.68 -32.83
CA SER C 216 -15.94 10.16 -33.56
C SER C 216 -15.05 9.30 -32.69
N ASN C 217 -15.00 9.64 -31.40
CA ASN C 217 -14.20 8.89 -30.43
C ASN C 217 -14.94 7.59 -30.06
N HIS C 218 -16.28 7.62 -30.09
CA HIS C 218 -17.11 6.42 -29.78
C HIS C 218 -18.17 6.20 -30.85
N PRO C 219 -17.72 6.04 -32.11
CA PRO C 219 -18.59 5.85 -33.27
C PRO C 219 -19.52 4.64 -33.20
N ASP C 220 -19.20 3.61 -32.43
CA ASP C 220 -20.10 2.46 -32.33
C ASP C 220 -21.19 2.68 -31.29
N ASP C 221 -20.99 3.64 -30.38
CA ASP C 221 -21.99 3.93 -29.35
C ASP C 221 -22.73 5.14 -29.88
N ILE C 222 -23.65 4.91 -30.79
CA ILE C 222 -24.38 5.96 -31.47
C ILE C 222 -25.07 6.99 -30.60
N PHE C 223 -25.73 6.55 -29.54
CA PHE C 223 -26.45 7.47 -28.68
C PHE C 223 -25.72 7.76 -27.37
N LEU C 224 -24.39 7.71 -27.40
CA LEU C 224 -23.60 7.99 -26.20
C LEU C 224 -23.90 9.39 -25.69
N PHE C 225 -24.03 10.35 -26.60
CA PHE C 225 -24.31 11.72 -26.21
C PHE C 225 -25.62 11.89 -25.43
N PRO C 226 -26.77 11.41 -25.98
CA PRO C 226 -27.99 11.58 -25.18
C PRO C 226 -27.95 10.77 -23.88
N LYS C 227 -27.19 9.68 -23.86
CA LYS C 227 -27.08 8.88 -22.64
C LYS C 227 -26.29 9.68 -21.61
N LEU C 228 -25.33 10.48 -22.08
CA LEU C 228 -24.53 11.32 -21.18
C LEU C 228 -25.37 12.50 -20.70
N LEU C 229 -26.25 13.01 -21.56
CA LEU C 229 -27.15 14.10 -21.20
C LEU C 229 -28.01 13.61 -20.03
N GLN C 230 -28.41 12.34 -20.10
CA GLN C 230 -29.21 11.77 -19.04
C GLN C 230 -28.42 11.67 -17.74
N LYS C 231 -27.16 11.23 -17.85
CA LYS C 231 -26.29 11.12 -16.69
C LYS C 231 -26.17 12.49 -16.00
N MET C 232 -26.24 13.57 -16.78
CA MET C 232 -26.16 14.90 -16.20
C MET C 232 -27.39 15.20 -15.35
N ALA C 233 -28.51 14.59 -15.69
CA ALA C 233 -29.71 14.79 -14.91
C ALA C 233 -29.59 13.92 -13.66
N ASP C 234 -29.08 12.71 -13.84
CA ASP C 234 -28.90 11.80 -12.71
C ASP C 234 -27.99 12.36 -11.62
N LEU C 235 -26.86 12.97 -12.02
CA LEU C 235 -25.92 13.55 -11.05
C LEU C 235 -26.62 14.65 -10.23
N ARG C 236 -27.40 15.48 -10.91
CA ARG C 236 -28.15 16.55 -10.28
C ARG C 236 -29.04 15.96 -9.18
N GLN C 237 -29.72 14.84 -9.46
CA GLN C 237 -30.58 14.19 -8.46
C GLN C 237 -29.69 13.58 -7.38
N LEU C 238 -28.51 13.12 -7.77
CA LEU C 238 -27.57 12.52 -6.83
C LEU C 238 -27.03 13.57 -5.85
N VAL C 239 -26.68 14.74 -6.38
CA VAL C 239 -26.17 15.84 -5.56
C VAL C 239 -27.24 16.34 -4.55
N THR C 240 -28.50 16.42 -5.00
CA THR C 240 -29.60 16.87 -4.16
C THR C 240 -29.73 15.94 -2.94
N GLU C 241 -29.74 14.63 -3.20
CA GLU C 241 -29.86 13.63 -2.17
C GLU C 241 -28.63 13.63 -1.26
N HIS C 242 -27.48 13.93 -1.86
CA HIS C 242 -26.25 13.96 -1.10
C HIS C 242 -26.28 15.17 -0.16
N ALA C 243 -26.75 16.31 -0.66
CA ALA C 243 -26.81 17.51 0.16
C ALA C 243 -27.81 17.28 1.31
N GLN C 244 -28.94 16.67 0.99
CA GLN C 244 -29.96 16.40 2.01
C GLN C 244 -29.35 15.54 3.13
N LEU C 245 -28.58 14.54 2.73
CA LEU C 245 -27.95 13.66 3.69
C LEU C 245 -26.91 14.40 4.52
N VAL C 246 -26.10 15.23 3.87
CA VAL C 246 -25.09 15.97 4.60
C VAL C 246 -25.74 16.94 5.61
N GLN C 247 -26.83 17.57 5.19
CA GLN C 247 -27.55 18.51 6.06
C GLN C 247 -28.05 17.79 7.31
N ILE C 248 -28.37 16.51 7.16
CA ILE C 248 -28.85 15.70 8.27
C ILE C 248 -27.72 15.42 9.23
N ILE C 249 -26.55 15.09 8.68
CA ILE C 249 -25.39 14.82 9.52
C ILE C 249 -25.01 16.12 10.25
N LYS C 250 -25.06 17.23 9.53
CA LYS C 250 -24.70 18.53 10.08
C LYS C 250 -25.46 18.88 11.35
N LYS C 251 -26.76 18.57 11.39
CA LYS C 251 -27.53 18.88 12.57
C LYS C 251 -27.67 17.74 13.58
N THR C 252 -27.50 16.50 13.14
CA THR C 252 -27.60 15.39 14.07
C THR C 252 -26.22 14.82 14.43
N GLU C 253 -25.14 15.48 14.01
CA GLU C 253 -23.80 14.98 14.30
C GLU C 253 -22.87 16.09 14.80
N SER C 254 -23.09 16.51 16.05
CA SER C 254 -22.30 17.58 16.68
C SER C 254 -20.79 17.45 16.43
N ASP C 255 -20.29 16.21 16.45
CA ASP C 255 -18.85 15.99 16.25
C ASP C 255 -18.31 16.04 14.81
N ALA C 256 -19.18 15.91 13.80
CA ALA C 256 -18.76 15.95 12.40
C ALA C 256 -18.72 17.34 11.76
N ALA C 257 -17.77 18.17 12.16
CA ALA C 257 -17.64 19.53 11.63
C ALA C 257 -17.47 19.58 10.11
N LEU C 258 -18.15 20.52 9.47
CA LEU C 258 -18.09 20.68 8.04
C LEU C 258 -17.19 21.85 7.68
N HIS C 259 -16.12 21.58 6.93
CA HIS C 259 -15.15 22.58 6.49
C HIS C 259 -15.84 23.79 5.89
N PRO C 260 -15.25 24.99 6.08
CA PRO C 260 -15.79 26.25 5.56
C PRO C 260 -16.01 26.37 4.05
N LEU C 261 -15.08 25.88 3.24
CA LEU C 261 -15.26 25.99 1.80
C LEU C 261 -16.54 25.25 1.43
N LEU C 262 -16.67 24.03 1.97
CA LEU C 262 -17.83 23.20 1.70
C LEU C 262 -19.09 23.81 2.34
N GLN C 263 -18.93 24.41 3.52
CA GLN C 263 -20.08 25.03 4.18
C GLN C 263 -20.70 26.10 3.30
N GLU C 264 -19.87 26.97 2.73
CA GLU C 264 -20.45 27.99 1.89
C GLU C 264 -21.08 27.47 0.62
N ILE C 265 -20.74 26.25 0.23
CA ILE C 265 -21.29 25.63 -0.96
C ILE C 265 -22.70 25.03 -0.72
N TYR C 266 -22.82 24.24 0.35
CA TYR C 266 -24.10 23.60 0.70
C TYR C 266 -25.13 24.64 1.12
N ARG C 267 -24.64 25.77 1.59
CA ARG C 267 -25.46 26.89 2.06
C ARG C 267 -26.52 27.30 1.03
N ASP C 268 -27.78 26.93 1.29
CA ASP C 268 -28.91 27.24 0.40
C ASP C 268 -28.72 26.53 -0.95
N MET C 269 -28.35 25.26 -0.90
CA MET C 269 -28.15 24.54 -2.14
C MET C 269 -29.47 24.07 -2.72
N TYR C 270 -29.91 22.88 -2.30
CA TYR C 270 -31.14 22.27 -2.78
C TYR C 270 -32.13 21.89 -1.68
N GLU D 3 -22.64 36.62 -3.28
CA GLU D 3 -21.26 36.14 -2.93
C GLU D 3 -21.08 35.89 -1.44
N ARG D 4 -21.89 35.01 -0.87
CA ARG D 4 -21.76 34.67 0.54
C ARG D 4 -20.74 33.52 0.55
N HIS D 5 -19.90 33.54 -0.47
CA HIS D 5 -18.87 32.52 -0.70
C HIS D 5 -17.54 33.22 -0.79
N LYS D 6 -17.14 33.80 0.34
CA LYS D 6 -15.87 34.52 0.51
C LYS D 6 -14.75 33.71 -0.10
N ILE D 7 -14.44 32.60 0.55
CA ILE D 7 -13.39 31.65 0.14
C ILE D 7 -13.45 31.36 -1.36
N LEU D 8 -14.54 30.71 -1.79
CA LEU D 8 -14.74 30.38 -3.20
C LEU D 8 -14.42 31.62 -4.05
N HIS D 9 -14.77 32.80 -3.52
CA HIS D 9 -14.54 34.07 -4.21
C HIS D 9 -13.03 34.43 -4.24
N ARG D 10 -12.35 34.16 -3.14
CA ARG D 10 -10.94 34.45 -3.06
C ARG D 10 -10.20 33.61 -4.10
N LEU D 11 -10.62 32.35 -4.25
CA LEU D 11 -10.04 31.40 -5.18
C LEU D 11 -10.31 31.87 -6.59
N LEU D 12 -11.54 32.30 -6.84
CA LEU D 12 -11.88 32.77 -8.17
C LEU D 12 -11.13 34.03 -8.59
C1 MMB E . 15.27 -22.34 7.28
C2 MMB E . 15.62 -23.73 7.90
C4 MMB E . 15.27 -25.04 7.12
C6 MMB E . 14.96 -23.75 9.28
O2 MMB E . 15.67 -23.47 10.22
O3 MMB E . 13.77 -24.04 9.38
C7 MMB E . 15.88 -21.99 5.96
C8 MMB E . 15.21 -22.26 4.75
C9 MMB E . 15.80 -21.91 3.52
C10 MMB E . 17.06 -21.28 3.45
C11 MMB E . 17.74 -21.01 4.68
C12 MMB E . 17.15 -21.36 5.92
O4 MMB E . 17.49 -20.97 2.14
C13 MMB E . 18.80 -21.13 1.66
C14 MMB E . 19.01 -22.48 1.02
C15 MMB E . 18.14 -23.32 0.38
O5 MMB E . 18.78 -24.41 -0.03
C3 MMB E . 20.08 -24.30 0.35
N1 MMB E . 20.28 -23.17 0.98
C16 MMB E . 23.48 -25.99 0.30
C17 MMB E . 22.47 -25.03 0.55
C18 MMB E . 21.14 -25.26 0.11
C19 MMB E . 20.84 -26.48 -0.58
C20 MMB E . 21.86 -27.43 -0.82
C21 MMB E . 23.17 -27.19 -0.39
C26 MMB E . 14.17 -26.07 3.84
C28 MMB E . 14.25 -27.36 1.60
C29 MMB E . 14.05 -27.42 3.13
C32 MMB E . 15.66 -26.39 7.76
N4 MMB E . 14.65 -25.08 5.90
O1 MMB E . 14.33 -26.27 5.22
C5 MMB E . 16.68 -23.23 0.06
C1 MMB F . -17.44 13.98 -0.66
C2 MMB F . -17.42 14.60 0.79
C4 MMB F . -17.75 13.70 2.04
C6 MMB F . -18.39 15.74 0.73
O2 MMB F . -17.96 16.83 0.40
O3 MMB F . -19.57 15.53 1.01
C7 MMB F . -16.50 12.84 -0.93
C8 MMB F . -16.94 11.50 -0.73
C9 MMB F . -16.09 10.42 -0.98
C10 MMB F . -14.75 10.62 -1.45
C11 MMB F . -14.30 11.96 -1.67
C12 MMB F . -15.18 13.06 -1.41
O4 MMB F . -14.05 9.43 -1.67
C13 MMB F . -12.71 9.25 -1.35
C14 MMB F . -12.54 8.57 -0.02
C15 MMB F . -13.36 7.73 0.68
O5 MMB F . -12.79 7.39 1.84
C3 MMB F . -11.58 8.00 1.90
N1 MMB F . -11.37 8.73 0.81
C16 MMB F . -8.44 8.55 3.96
C17 MMB F . -9.37 8.64 2.90
C18 MMB F . -10.61 7.93 2.98
C19 MMB F . -10.89 7.13 4.11
C20 MMB F . -9.95 7.03 5.18
C21 MMB F . -8.73 7.74 5.12
C26 MMB F . -18.17 10.24 2.83
C28 MMB F . -18.13 7.87 3.84
C29 MMB F . -18.29 9.38 4.09
C32 MMB F . -17.66 14.34 3.45
N4 MMB F . -18.11 12.39 1.96
O1 MMB F . -18.40 11.61 3.10
C5 MMB F . -14.72 7.16 0.39
#